data_4FQP
#
_entry.id   4FQP
#
_cell.length_a   138.919
_cell.length_b   138.919
_cell.length_c   273.645
_cell.angle_alpha   90.00
_cell.angle_beta   90.00
_cell.angle_gamma   120.00
#
_symmetry.space_group_name_H-M   'P 65 2 2'
#
loop_
_entity.id
_entity.type
_entity.pdbx_description
1 polymer 'Poliovirus receptor'
2 branched beta-D-mannopyranose-(1-4)-2-acetamido-2-deoxy-beta-D-glucopyranose-(1-4)-2-acetamido-2-deoxy-beta-D-glucopyranose
3 branched alpha-D-mannopyranose-(1-3)-beta-D-mannopyranose-(1-4)-2-acetamido-2-deoxy-beta-D-glucopyranose-(1-4)-[alpha-L-fucopyranose-(1-6)]2-acetamido-2-deoxy-beta-D-glucopyranose
4 branched 2-acetamido-2-deoxy-beta-D-glucopyranose-(1-4)-2-acetamido-2-deoxy-beta-D-glucopyranose
5 branched beta-D-mannopyranose-(1-4)-2-acetamido-2-deoxy-beta-D-glucopyranose-(1-4)-[alpha-L-fucopyranose-(1-6)]2-acetamido-2-deoxy-beta-D-glucopyranose
6 non-polymer 2-acetamido-2-deoxy-beta-D-glucopyranose
#
_entity_poly.entity_id   1
_entity_poly.type   'polypeptide(L)'
_entity_poly.pdbx_seq_one_letter_code
;DVVVQAPTQVPGFLGDSVTLPCYLQVPNMEVTHVSQLTWARHGESGSMAVFHQTQGPSYSESKRLEFVAARLGAELRNAS
LRMFGLRVEDEGNYTCLFVTFPQGSRSVDIWLRVLAKPQNTAEVQKVQLTGEPVPMARCVSTGGRPPAQITWHSDLGGMP
NTSQVPGFLSGTVTVTSLWILVPSSQVDGKNVTCKVEHESFEKPQLLTVNLTVYYPPEVSISGYDNNWYLGQNEATLTCD
ARSNPEPTGYNWSTTMGPLPPFAVAQGAQLLIRPVDKPINTTLICNVTNALGARQAELTVQVKEGPPHHHHHH
;
_entity_poly.pdbx_strand_id   A
#
loop_
_chem_comp.id
_chem_comp.type
_chem_comp.name
_chem_comp.formula
BMA D-saccharide, beta linking beta-D-mannopyranose 'C6 H12 O6'
FUC L-saccharide, alpha linking alpha-L-fucopyranose 'C6 H12 O5'
MAN D-saccharide, alpha linking alpha-D-mannopyranose 'C6 H12 O6'
NAG D-saccharide, beta linking 2-acetamido-2-deoxy-beta-D-glucopyranose 'C8 H15 N O6'
#
# COMPACT_ATOMS: atom_id res chain seq x y z
N ASP A 1 -4.40 45.57 17.55
CA ASP A 1 -3.23 45.06 18.33
C ASP A 1 -2.26 44.27 17.46
N VAL A 2 -0.99 44.34 17.84
CA VAL A 2 0.09 43.64 17.17
C VAL A 2 0.09 42.17 17.59
N VAL A 3 -0.03 41.28 16.61
CA VAL A 3 -0.15 39.82 16.88
C VAL A 3 0.82 39.00 16.05
N VAL A 4 1.45 38.02 16.69
CA VAL A 4 2.45 37.17 15.99
C VAL A 4 1.79 35.97 15.34
N GLN A 5 2.32 35.60 14.20
CA GLN A 5 1.61 34.81 13.20
C GLN A 5 2.47 33.64 12.78
N ALA A 6 2.14 32.45 13.26
CA ALA A 6 2.98 31.28 12.99
C ALA A 6 2.20 29.99 13.10
N PRO A 7 2.54 29.03 12.24
CA PRO A 7 1.95 27.72 12.28
C PRO A 7 2.14 27.07 13.62
N THR A 8 1.20 26.21 13.97
CA THR A 8 1.22 25.53 15.26
C THR A 8 2.16 24.34 15.17
N GLN A 9 2.24 23.72 13.99
CA GLN A 9 3.20 22.61 13.74
C GLN A 9 3.94 22.72 12.38
N VAL A 10 5.21 22.36 12.35
CA VAL A 10 6.00 22.38 11.10
C VAL A 10 6.77 21.05 10.90
N PRO A 11 6.47 20.33 9.81
CA PRO A 11 7.37 19.28 9.41
C PRO A 11 8.35 19.89 8.43
N GLY A 12 9.65 19.49 8.43
CA GLY A 12 10.20 18.49 9.40
C GLY A 12 10.90 17.25 8.82
N PHE A 13 11.94 17.41 8.03
CA PHE A 13 12.55 16.24 7.38
C PHE A 13 13.97 15.86 7.78
N LEU A 14 14.15 14.63 8.24
CA LEU A 14 15.46 14.19 8.74
C LEU A 14 16.53 14.43 7.69
N GLY A 15 17.62 15.06 8.10
CA GLY A 15 18.77 15.26 7.21
C GLY A 15 18.58 16.32 6.15
N ASP A 16 17.39 16.89 6.10
CA ASP A 16 17.09 18.01 5.21
C ASP A 16 17.20 19.28 5.95
N SER A 17 16.57 20.33 5.42
CA SER A 17 16.47 21.62 6.11
C SER A 17 15.05 22.13 6.02
N VAL A 18 14.60 22.82 7.06
CA VAL A 18 13.24 23.39 7.05
C VAL A 18 13.29 24.84 7.33
N THR A 19 12.21 25.51 6.94
CA THR A 19 11.98 26.87 7.38
C THR A 19 10.83 26.91 8.35
N LEU A 20 11.11 27.50 9.50
CA LEU A 20 10.11 27.78 10.50
C LEU A 20 9.54 29.19 10.21
N PRO A 21 8.28 29.28 9.84
CA PRO A 21 7.75 30.60 9.54
C PRO A 21 7.26 31.27 10.80
N CYS A 22 7.56 32.55 10.90
CA CYS A 22 7.12 33.36 12.03
C CYS A 22 7.07 34.79 11.61
N TYR A 23 5.89 35.36 11.65
CA TYR A 23 5.64 36.65 11.00
C TYR A 23 4.80 37.54 11.90
N LEU A 24 5.02 38.85 11.82
CA LEU A 24 4.26 39.77 12.69
C LEU A 24 3.16 40.54 11.93
N GLN A 25 1.91 40.14 12.19
CA GLN A 25 0.75 40.91 11.71
C GLN A 25 0.68 42.18 12.48
N VAL A 26 0.52 43.30 11.79
CA VAL A 26 0.51 44.59 12.47
C VAL A 26 -0.52 45.52 11.82
N PRO A 27 -1.76 45.54 12.35
CA PRO A 27 -2.81 46.28 11.69
C PRO A 27 -2.38 47.67 11.29
N ASN A 28 -2.44 47.92 9.98
CA ASN A 28 -1.94 49.18 9.39
C ASN A 28 -2.50 50.44 10.03
N MET A 29 -3.45 50.26 10.93
CA MET A 29 -3.98 51.39 11.72
C MET A 29 -2.94 51.93 12.70
N GLU A 30 -2.39 51.04 13.54
CA GLU A 30 -1.44 51.45 14.59
C GLU A 30 0.01 51.13 14.26
N VAL A 31 0.90 51.91 14.89
CA VAL A 31 2.35 51.87 14.62
C VAL A 31 3.06 51.11 15.71
N THR A 32 4.16 50.48 15.32
CA THR A 32 5.03 49.80 16.26
C THR A 32 6.47 49.80 15.79
N HIS A 33 7.40 49.81 16.74
CA HIS A 33 8.84 49.61 16.44
C HIS A 33 9.38 48.34 17.06
N VAL A 34 9.68 47.40 16.17
CA VAL A 34 10.22 46.09 16.56
C VAL A 34 11.73 46.11 16.49
N SER A 35 12.33 45.89 17.66
CA SER A 35 13.75 46.13 17.90
C SER A 35 14.57 44.89 17.50
N GLN A 36 14.15 43.73 17.98
CA GLN A 36 14.81 42.48 17.60
C GLN A 36 13.86 41.32 17.65
N LEU A 37 14.34 40.16 17.21
CA LEU A 37 13.53 38.95 17.20
C LEU A 37 14.37 37.74 17.55
N THR A 38 13.80 36.89 18.38
CA THR A 38 14.54 35.83 19.06
C THR A 38 13.82 34.52 18.91
N TRP A 39 14.53 33.57 18.36
CA TRP A 39 14.11 32.19 18.39
C TRP A 39 14.77 31.50 19.52
N ALA A 40 13.99 30.80 20.31
CA ALA A 40 14.56 30.02 21.37
C ALA A 40 14.01 28.60 21.36
N ARG A 41 14.84 27.66 21.76
CA ARG A 41 14.43 26.29 21.97
C ARG A 41 13.58 26.30 23.22
N HIS A 42 12.93 25.20 23.56
CA HIS A 42 12.06 25.24 24.75
C HIS A 42 12.81 25.10 26.04
N GLY A 43 12.88 26.23 26.77
CA GLY A 43 13.54 26.31 28.09
C GLY A 43 15.02 25.95 28.07
N GLU A 44 15.81 26.70 27.29
CA GLU A 44 17.26 26.43 27.13
C GLU A 44 18.14 27.50 27.80
N SER A 45 17.67 27.99 28.94
CA SER A 45 18.34 29.06 29.67
C SER A 45 18.64 30.27 28.78
N GLY A 46 17.91 30.43 27.68
CA GLY A 46 18.23 31.47 26.70
C GLY A 46 18.34 31.04 25.25
N SER A 47 18.63 32.02 24.40
CA SER A 47 18.27 31.98 22.95
C SER A 47 19.17 31.12 22.06
N MET A 48 18.60 30.78 20.92
CA MET A 48 19.24 29.93 19.93
C MET A 48 19.60 30.70 18.68
N ALA A 49 18.77 31.67 18.33
CA ALA A 49 19.04 32.58 17.22
C ALA A 49 18.40 33.93 17.47
N VAL A 50 19.13 34.99 17.22
CA VAL A 50 18.59 36.32 17.44
C VAL A 50 19.06 37.31 16.40
N PHE A 51 18.09 37.98 15.79
CA PHE A 51 18.34 39.07 14.84
C PHE A 51 17.92 40.42 15.40
N HIS A 52 18.65 41.46 14.99
CA HIS A 52 18.43 42.80 15.52
C HIS A 52 18.39 43.84 14.44
N GLN A 53 17.44 44.75 14.59
CA GLN A 53 17.22 45.88 13.65
C GLN A 53 18.49 46.38 13.03
N THR A 54 19.48 46.64 13.88
CA THR A 54 20.71 47.33 13.46
C THR A 54 21.92 46.43 13.63
N GLN A 55 21.97 45.73 14.76
CA GLN A 55 23.15 44.90 15.12
C GLN A 55 23.27 43.62 14.26
N GLY A 56 22.16 43.22 13.67
CA GLY A 56 22.17 42.09 12.75
C GLY A 56 21.91 40.79 13.47
N PRO A 57 22.49 39.70 12.96
CA PRO A 57 22.17 38.37 13.43
C PRO A 57 23.13 37.90 14.47
N SER A 58 22.75 36.82 15.14
CA SER A 58 23.64 36.06 16.03
C SER A 58 23.09 34.67 16.29
N TYR A 59 23.93 33.66 16.16
CA TYR A 59 23.47 32.27 16.26
C TYR A 59 24.26 31.47 17.30
N SER A 60 23.59 30.48 17.85
CA SER A 60 24.22 29.52 18.75
C SER A 60 25.35 28.77 18.04
N GLU A 61 24.98 27.95 17.06
CA GLU A 61 25.92 27.49 16.05
C GLU A 61 25.53 28.07 14.68
N SER A 62 26.40 28.95 14.19
CA SER A 62 26.17 29.79 12.98
C SER A 62 26.02 28.96 11.73
N LYS A 63 26.67 27.80 11.74
CA LYS A 63 26.75 26.93 10.56
C LYS A 63 25.43 26.24 10.23
N ARG A 64 24.45 26.34 11.12
CA ARG A 64 23.24 25.52 10.97
C ARG A 64 21.93 26.27 10.98
N LEU A 65 21.96 27.54 11.36
CA LEU A 65 20.75 28.37 11.37
C LEU A 65 20.91 29.64 10.56
N GLU A 66 19.82 30.09 9.97
CA GLU A 66 19.82 31.27 9.10
C GLU A 66 18.47 31.94 9.05
N PHE A 67 18.44 33.22 9.36
CA PHE A 67 17.23 34.01 9.21
C PHE A 67 16.94 34.24 7.73
N VAL A 68 15.74 33.87 7.30
CA VAL A 68 15.45 33.82 5.87
C VAL A 68 15.23 35.21 5.35
N ALA A 69 14.35 35.97 6.02
CA ALA A 69 13.84 37.21 5.47
C ALA A 69 14.40 38.41 6.19
N ALA A 70 14.56 38.30 7.51
CA ALA A 70 14.98 39.43 8.33
C ALA A 70 16.18 40.10 7.73
N ARG A 71 16.05 41.39 7.47
CA ARG A 71 17.14 42.09 6.84
C ARG A 71 17.51 43.34 7.56
N LEU A 72 18.81 43.58 7.62
CA LEU A 72 19.41 44.66 8.39
C LEU A 72 18.93 45.98 7.85
N GLY A 73 18.57 46.88 8.77
CA GLY A 73 18.11 48.22 8.39
C GLY A 73 16.60 48.28 8.18
N ALA A 74 16.03 47.24 7.59
CA ALA A 74 14.58 47.20 7.26
C ALA A 74 13.72 47.06 8.52
N GLU A 75 12.43 47.35 8.39
CA GLU A 75 11.47 47.17 9.48
C GLU A 75 11.12 45.74 9.62
N LEU A 76 11.46 45.20 10.78
CA LEU A 76 11.45 43.75 11.03
C LEU A 76 10.03 43.21 11.17
N ARG A 77 9.68 42.24 10.36
CA ARG A 77 8.37 41.63 10.44
C ARG A 77 8.44 40.11 10.32
N ASN A 78 9.42 39.64 9.56
CA ASN A 78 9.46 38.24 9.14
C ASN A 78 10.60 37.46 9.79
N ALA A 79 10.29 36.85 10.91
CA ALA A 79 11.26 36.13 11.75
C ALA A 79 11.62 34.77 11.17
N SER A 80 11.03 34.44 10.01
CA SER A 80 11.20 33.11 9.39
C SER A 80 12.65 32.65 9.44
N LEU A 81 12.82 31.46 9.99
CA LEU A 81 14.15 30.91 10.30
C LEU A 81 14.31 29.53 9.70
N ARG A 82 15.37 29.42 8.93
CA ARG A 82 15.70 28.18 8.25
C ARG A 82 16.82 27.50 9.01
N MET A 83 16.60 26.24 9.41
CA MET A 83 17.69 25.44 9.99
C MET A 83 18.00 24.20 9.19
N PHE A 84 19.30 23.95 8.99
CA PHE A 84 19.78 22.88 8.11
C PHE A 84 19.96 21.57 8.84
N GLY A 85 20.02 20.50 8.06
CA GLY A 85 20.42 19.18 8.56
C GLY A 85 19.70 18.74 9.80
N LEU A 86 18.38 18.68 9.73
CA LEU A 86 17.57 18.23 10.88
C LEU A 86 17.99 16.87 11.29
N ARG A 87 18.27 16.71 12.56
CA ARG A 87 18.29 15.39 13.15
C ARG A 87 17.20 15.23 14.21
N VAL A 88 17.07 14.00 14.71
CA VAL A 88 16.04 13.62 15.67
C VAL A 88 16.05 14.55 16.87
N GLU A 89 17.22 14.88 17.34
CA GLU A 89 17.34 15.74 18.52
C GLU A 89 16.94 17.17 18.22
N ASP A 90 16.48 17.43 17.01
CA ASP A 90 16.05 18.80 16.63
C ASP A 90 14.56 18.98 16.77
N GLU A 91 13.87 17.88 17.04
CA GLU A 91 12.45 17.93 17.29
C GLU A 91 12.22 18.58 18.61
N GLY A 92 11.14 19.32 18.70
CA GLY A 92 10.81 20.02 19.93
C GLY A 92 9.95 21.24 19.71
N ASN A 93 9.56 21.85 20.81
CA ASN A 93 8.81 23.07 20.76
C ASN A 93 9.73 24.26 20.79
N TYR A 94 9.62 25.09 19.78
CA TYR A 94 10.45 26.30 19.69
C TYR A 94 9.59 27.56 19.86
N THR A 95 10.03 28.49 20.69
CA THR A 95 9.37 29.81 20.77
C THR A 95 10.02 30.83 19.83
N CYS A 96 9.17 31.68 19.27
CA CYS A 96 9.61 32.78 18.42
C CYS A 96 8.98 34.01 18.98
N LEU A 97 9.80 34.94 19.44
CA LEU A 97 9.24 36.22 19.92
C LEU A 97 9.81 37.41 19.22
N PHE A 98 8.98 38.43 19.18
CA PHE A 98 9.37 39.72 18.69
C PHE A 98 9.48 40.66 19.85
N VAL A 99 10.43 41.57 19.78
CA VAL A 99 10.54 42.60 20.78
C VAL A 99 10.12 43.92 20.19
N THR A 100 8.85 44.24 20.40
CA THR A 100 8.25 45.46 19.88
C THR A 100 8.29 46.63 20.86
N PHE A 101 7.74 47.75 20.41
CA PHE A 101 7.51 48.92 21.25
C PHE A 101 6.42 49.81 20.64
N PRO A 102 5.44 50.22 21.45
CA PRO A 102 5.39 50.14 22.88
C PRO A 102 4.51 49.00 23.37
N GLN A 103 4.26 48.04 22.49
CA GLN A 103 3.37 46.91 22.82
C GLN A 103 4.00 46.00 23.86
N GLY A 104 5.31 45.87 23.79
CA GLY A 104 6.02 44.85 24.56
C GLY A 104 6.53 43.77 23.63
N SER A 105 6.46 42.52 24.08
CA SER A 105 7.04 41.40 23.32
C SER A 105 6.04 40.32 23.12
N ARG A 106 5.77 40.03 21.88
CA ARG A 106 4.79 38.98 21.55
C ARG A 106 5.47 37.76 20.94
N SER A 107 5.10 36.60 21.47
CA SER A 107 5.75 35.35 21.10
C SER A 107 4.75 34.22 20.93
N VAL A 108 5.13 33.24 20.13
CA VAL A 108 4.31 32.09 19.87
C VAL A 108 5.15 30.84 19.87
N ASP A 109 4.52 29.68 20.05
CA ASP A 109 5.25 28.41 20.08
C ASP A 109 5.01 27.59 18.82
N ILE A 110 6.10 27.04 18.29
CA ILE A 110 6.04 26.19 17.12
C ILE A 110 6.51 24.79 17.46
N TRP A 111 5.65 23.82 17.23
CA TRP A 111 6.05 22.39 17.29
C TRP A 111 6.76 22.04 16.02
N LEU A 112 8.03 21.68 16.13
CA LEU A 112 8.82 21.23 14.96
C LEU A 112 8.83 19.72 14.89
N ARG A 113 7.88 19.19 14.15
CA ARG A 113 7.75 17.75 14.01
C ARG A 113 8.70 17.30 12.95
N VAL A 114 9.74 16.57 13.36
CA VAL A 114 10.67 16.01 12.40
C VAL A 114 10.41 14.53 12.13
N LEU A 115 10.26 14.26 10.84
CA LEU A 115 9.81 12.96 10.32
C LEU A 115 10.57 12.58 9.03
N ALA A 116 10.55 11.30 8.68
CA ALA A 116 11.22 10.82 7.48
C ALA A 116 10.27 10.01 6.62
N LYS A 117 10.24 10.35 5.34
CA LYS A 117 9.26 9.77 4.41
C LYS A 117 9.72 8.43 3.94
N PRO A 118 9.05 7.36 4.41
CA PRO A 118 9.47 6.03 4.01
C PRO A 118 8.96 5.73 2.67
N GLN A 119 9.60 4.79 1.99
CA GLN A 119 9.01 4.20 0.79
C GLN A 119 8.90 2.70 0.92
N ASN A 120 8.03 2.10 0.10
CA ASN A 120 7.45 0.80 0.44
C ASN A 120 7.27 -0.22 -0.71
N THR A 121 7.17 -1.47 -0.33
CA THR A 121 7.08 -2.57 -1.26
C THR A 121 5.96 -3.46 -0.92
N ALA A 122 5.52 -4.22 -1.89
CA ALA A 122 4.75 -5.41 -1.63
C ALA A 122 5.09 -6.45 -2.67
N GLU A 123 5.33 -7.66 -2.22
CA GLU A 123 5.31 -8.81 -3.10
C GLU A 123 4.26 -9.79 -2.67
N VAL A 124 3.98 -10.71 -3.57
CA VAL A 124 3.19 -11.88 -3.25
C VAL A 124 4.13 -13.01 -2.91
N GLN A 125 3.89 -13.66 -1.77
CA GLN A 125 4.55 -14.94 -1.49
C GLN A 125 3.70 -16.07 -2.06
N LYS A 126 4.25 -16.74 -3.05
CA LYS A 126 3.52 -17.81 -3.70
C LYS A 126 3.32 -18.93 -2.71
N VAL A 127 2.14 -19.51 -2.70
CA VAL A 127 1.80 -20.50 -1.71
C VAL A 127 1.33 -21.79 -2.34
N GLN A 128 1.72 -22.91 -1.75
CA GLN A 128 1.11 -24.18 -2.09
C GLN A 128 -0.22 -24.32 -1.34
N LEU A 129 -0.73 -25.53 -1.24
CA LEU A 129 -2.03 -25.76 -0.59
C LEU A 129 -1.87 -26.34 0.81
N THR A 130 -0.98 -25.75 1.59
CA THR A 130 -0.79 -26.17 2.99
C THR A 130 -2.09 -26.04 3.76
N GLY A 131 -2.26 -26.84 4.80
CA GLY A 131 -3.44 -26.73 5.66
C GLY A 131 -3.42 -25.45 6.48
N GLU A 132 -2.22 -24.94 6.73
CA GLU A 132 -1.97 -23.86 7.71
C GLU A 132 -2.16 -22.48 7.10
N PRO A 133 -2.56 -21.51 7.93
CA PRO A 133 -2.52 -20.14 7.51
C PRO A 133 -1.10 -19.69 7.36
N VAL A 134 -0.71 -19.36 6.13
CA VAL A 134 0.66 -18.92 5.86
C VAL A 134 0.67 -17.52 5.24
N PRO A 135 1.83 -16.84 5.29
CA PRO A 135 1.96 -15.55 4.61
C PRO A 135 1.78 -15.69 3.11
N MET A 136 0.83 -14.93 2.58
CA MET A 136 0.50 -15.00 1.14
C MET A 136 0.90 -13.74 0.41
N ALA A 137 0.97 -12.64 1.16
CA ALA A 137 1.48 -11.38 0.63
C ALA A 137 2.20 -10.59 1.72
N ARG A 138 3.31 -9.99 1.33
CA ARG A 138 4.11 -9.14 2.23
C ARG A 138 4.03 -7.68 1.83
N CYS A 139 4.05 -6.83 2.84
CA CYS A 139 4.17 -5.37 2.65
C CYS A 139 5.25 -4.84 3.56
N VAL A 140 5.98 -3.84 3.08
CA VAL A 140 7.12 -3.33 3.86
C VAL A 140 7.39 -1.87 3.58
N SER A 141 7.23 -1.05 4.61
CA SER A 141 7.52 0.38 4.56
C SER A 141 8.83 0.69 5.24
N THR A 142 9.89 0.76 4.45
CA THR A 142 11.25 0.94 4.97
C THR A 142 11.57 2.41 5.22
N GLY A 143 12.09 2.68 6.41
CA GLY A 143 12.71 3.98 6.73
C GLY A 143 11.72 5.03 7.20
N GLY A 144 10.68 4.58 7.88
CA GLY A 144 9.61 5.48 8.36
C GLY A 144 9.94 6.27 9.63
N ARG A 145 9.44 7.49 9.66
CA ARG A 145 9.51 8.33 10.86
C ARG A 145 8.38 9.32 10.84
N PRO A 146 7.42 9.18 11.76
CA PRO A 146 7.27 8.05 12.63
C PRO A 146 6.95 6.82 11.83
N PRO A 147 6.94 5.65 12.46
CA PRO A 147 6.64 4.45 11.73
C PRO A 147 5.37 4.57 10.93
N ALA A 148 5.35 3.94 9.77
CA ALA A 148 4.16 3.91 8.94
C ALA A 148 3.07 3.00 9.52
N GLN A 149 1.85 3.23 9.09
CA GLN A 149 0.71 2.38 9.45
C GLN A 149 0.33 1.53 8.25
N ILE A 150 0.39 0.22 8.41
CA ILE A 150 0.08 -0.67 7.30
C ILE A 150 -1.19 -1.41 7.54
N THR A 151 -2.18 -1.19 6.71
CA THR A 151 -3.41 -1.92 6.80
C THR A 151 -3.65 -2.65 5.51
N TRP A 152 -4.45 -3.71 5.57
CA TRP A 152 -4.82 -4.46 4.35
C TRP A 152 -6.26 -4.34 4.05
N HIS A 153 -6.57 -4.19 2.78
CA HIS A 153 -7.95 -4.27 2.34
C HIS A 153 -8.07 -5.16 1.19
N SER A 154 -9.16 -5.93 1.20
CA SER A 154 -9.44 -6.88 0.11
C SER A 154 -10.77 -7.53 0.32
N ASP A 155 -11.23 -8.21 -0.70
CA ASP A 155 -12.53 -8.81 -0.64
C ASP A 155 -12.52 -10.04 0.23
N LEU A 156 -11.34 -10.55 0.51
CA LEU A 156 -11.21 -11.82 1.24
C LEU A 156 -10.32 -11.68 2.45
N GLY A 157 -10.75 -10.87 3.42
CA GLY A 157 -9.86 -10.43 4.53
C GLY A 157 -9.25 -11.61 5.26
N GLY A 158 -8.00 -11.48 5.68
CA GLY A 158 -7.35 -12.55 6.38
C GLY A 158 -6.91 -12.19 7.77
N MET A 159 -5.61 -12.31 8.00
CA MET A 159 -5.03 -12.04 9.34
C MET A 159 -3.64 -11.43 9.21
N PRO A 160 -3.55 -10.13 9.42
CA PRO A 160 -2.29 -9.46 9.21
C PRO A 160 -1.43 -9.50 10.45
N ASN A 161 -0.20 -9.88 10.22
CA ASN A 161 0.81 -9.90 11.25
C ASN A 161 1.86 -8.86 10.93
N THR A 162 1.97 -7.89 11.80
CA THR A 162 2.85 -6.75 11.56
C THR A 162 4.01 -6.74 12.54
N SER A 163 5.15 -6.25 12.07
CA SER A 163 6.37 -6.17 12.91
C SER A 163 7.31 -5.12 12.38
N GLN A 164 8.27 -4.71 13.19
CA GLN A 164 9.15 -3.58 12.81
C GLN A 164 10.55 -3.60 13.43
N VAL A 165 11.54 -3.43 12.57
CA VAL A 165 12.94 -3.32 12.99
C VAL A 165 13.32 -1.83 12.94
N PRO A 166 14.32 -1.42 13.72
CA PRO A 166 14.82 -0.09 13.51
C PRO A 166 15.22 0.13 12.08
N GLY A 167 15.09 1.37 11.63
CA GLY A 167 15.42 1.72 10.26
C GLY A 167 16.87 2.10 10.07
N PHE A 168 17.16 2.83 9.01
CA PHE A 168 18.54 3.19 8.69
C PHE A 168 19.00 4.38 9.48
N LEU A 169 18.43 5.53 9.19
CA LEU A 169 18.77 6.73 9.95
C LEU A 169 18.16 6.57 11.32
N SER A 170 18.85 7.06 12.35
CA SER A 170 18.36 6.96 13.71
C SER A 170 17.02 7.60 13.76
N GLY A 171 16.08 6.95 14.44
CA GLY A 171 14.75 7.49 14.60
C GLY A 171 13.76 6.96 13.59
N THR A 172 14.25 6.38 12.51
CA THR A 172 13.36 5.73 11.54
C THR A 172 13.01 4.33 11.95
N VAL A 173 11.94 3.82 11.40
CA VAL A 173 11.53 2.44 11.63
C VAL A 173 11.00 1.83 10.34
N THR A 174 11.40 0.61 10.05
CA THR A 174 10.84 -0.07 8.88
C THR A 174 9.84 -1.14 9.31
N VAL A 175 8.60 -0.95 8.89
CA VAL A 175 7.54 -1.88 9.24
C VAL A 175 7.36 -2.91 8.16
N THR A 176 7.35 -4.17 8.57
CA THR A 176 7.09 -5.29 7.65
C THR A 176 5.86 -6.01 8.09
N SER A 177 4.76 -5.73 7.45
CA SER A 177 3.53 -6.48 7.67
C SER A 177 3.34 -7.54 6.63
N LEU A 178 2.94 -8.73 7.06
CA LEU A 178 2.56 -9.76 6.13
C LEU A 178 1.16 -10.29 6.39
N TRP A 179 0.53 -10.69 5.30
CA TRP A 179 -0.91 -10.93 5.23
C TRP A 179 -1.17 -12.40 5.21
N ILE A 180 -1.57 -12.94 6.35
CA ILE A 180 -1.60 -14.40 6.53
C ILE A 180 -2.99 -14.95 6.35
N LEU A 181 -3.10 -16.01 5.57
CA LEU A 181 -4.40 -16.63 5.25
C LEU A 181 -4.24 -18.09 4.94
N VAL A 182 -5.29 -18.85 5.18
CA VAL A 182 -5.32 -20.27 4.82
C VAL A 182 -5.57 -20.41 3.33
N PRO A 183 -4.54 -20.83 2.58
CA PRO A 183 -4.57 -20.74 1.13
C PRO A 183 -5.64 -21.62 0.53
N SER A 184 -6.17 -21.19 -0.61
CA SER A 184 -7.29 -21.88 -1.24
C SER A 184 -7.45 -21.48 -2.72
N SER A 185 -7.66 -22.50 -3.56
CA SER A 185 -7.69 -22.35 -5.04
C SER A 185 -8.35 -21.05 -5.50
N GLN A 186 -9.53 -20.79 -4.99
CA GLN A 186 -10.34 -19.69 -5.52
C GLN A 186 -9.78 -18.30 -5.20
N VAL A 187 -8.71 -18.23 -4.43
CA VAL A 187 -8.08 -16.92 -4.18
C VAL A 187 -6.93 -16.63 -5.16
N ASP A 188 -6.44 -17.67 -5.83
CA ASP A 188 -5.38 -17.47 -6.82
C ASP A 188 -5.81 -16.40 -7.81
N GLY A 189 -4.93 -15.43 -8.07
CA GLY A 189 -5.21 -14.36 -9.08
C GLY A 189 -6.13 -13.28 -8.53
N LYS A 190 -6.54 -13.43 -7.28
CA LYS A 190 -7.36 -12.40 -6.61
C LYS A 190 -6.49 -11.27 -6.05
N ASN A 191 -7.13 -10.14 -5.80
CA ASN A 191 -6.43 -8.92 -5.44
C ASN A 191 -6.42 -8.64 -3.95
N VAL A 192 -5.24 -8.36 -3.44
CA VAL A 192 -5.08 -7.92 -2.05
C VAL A 192 -4.31 -6.60 -2.04
N THR A 193 -4.83 -5.62 -1.31
CA THR A 193 -4.23 -4.29 -1.31
C THR A 193 -3.64 -3.94 0.00
N CYS A 194 -2.36 -3.58 -0.03
CA CYS A 194 -1.70 -3.01 1.11
C CYS A 194 -1.89 -1.50 1.12
N LYS A 195 -2.32 -0.98 2.25
CA LYS A 195 -2.41 0.46 2.46
C LYS A 195 -1.34 0.94 3.42
N VAL A 196 -0.38 1.68 2.90
CA VAL A 196 0.66 2.30 3.71
C VAL A 196 0.31 3.74 3.97
N GLU A 197 0.00 4.04 5.21
CA GLU A 197 -0.42 5.37 5.60
C GLU A 197 0.67 6.05 6.38
N HIS A 198 0.89 7.31 6.08
CA HIS A 198 1.96 8.07 6.74
C HIS A 198 1.73 9.52 6.63
N GLU A 199 2.12 10.26 7.65
CA GLU A 199 1.75 11.66 7.74
C GLU A 199 2.59 12.54 6.82
N SER A 200 3.33 11.92 5.91
CA SER A 200 4.25 12.67 5.05
C SER A 200 3.87 12.50 3.62
N PHE A 201 3.00 11.54 3.37
CA PHE A 201 2.52 11.25 2.04
C PHE A 201 1.50 12.26 1.64
N GLU A 202 1.32 12.43 0.34
CA GLU A 202 0.23 13.25 -0.17
C GLU A 202 -1.07 12.60 0.21
N LYS A 203 -1.10 11.28 0.09
CA LYS A 203 -2.26 10.51 0.47
C LYS A 203 -1.84 9.11 0.83
N PRO A 204 -2.64 8.41 1.65
CA PRO A 204 -2.35 7.03 1.88
C PRO A 204 -2.02 6.37 0.59
N GLN A 205 -0.86 5.73 0.55
CA GLN A 205 -0.32 5.16 -0.65
C GLN A 205 -0.69 3.68 -0.76
N LEU A 206 -1.24 3.30 -1.89
CA LEU A 206 -1.87 1.99 -2.03
C LEU A 206 -1.04 1.08 -2.91
N LEU A 207 -0.70 -0.06 -2.33
CA LEU A 207 0.10 -1.07 -3.01
C LEU A 207 -0.71 -2.35 -3.13
N THR A 208 -0.75 -2.91 -4.32
CA THR A 208 -1.67 -4.01 -4.57
C THR A 208 -0.98 -5.25 -5.14
N VAL A 209 -1.22 -6.40 -4.53
CA VAL A 209 -0.60 -7.67 -4.96
C VAL A 209 -1.54 -8.63 -5.65
N ASN A 210 -0.99 -9.39 -6.58
CA ASN A 210 -1.75 -10.39 -7.32
C ASN A 210 -1.52 -11.75 -6.68
N LEU A 211 -2.43 -12.15 -5.81
CA LEU A 211 -2.26 -13.41 -5.07
C LEU A 211 -1.89 -14.56 -6.01
N THR A 212 -1.14 -15.51 -5.47
CA THR A 212 -0.78 -16.72 -6.23
C THR A 212 -0.83 -17.98 -5.38
N VAL A 213 -1.65 -18.92 -5.82
CA VAL A 213 -1.79 -20.21 -5.19
C VAL A 213 -1.67 -21.27 -6.25
N TYR A 214 -0.77 -22.21 -6.04
CA TYR A 214 -0.66 -23.36 -6.91
C TYR A 214 -1.56 -24.50 -6.41
N TYR A 215 -2.24 -25.16 -7.32
CA TYR A 215 -3.16 -26.23 -6.95
C TYR A 215 -3.48 -27.22 -8.08
N PRO A 216 -3.96 -28.43 -7.72
CA PRO A 216 -4.29 -29.41 -8.71
C PRO A 216 -5.54 -29.00 -9.43
N PRO A 217 -5.81 -29.60 -10.60
CA PRO A 217 -6.95 -29.18 -11.41
C PRO A 217 -8.27 -29.39 -10.72
N GLU A 218 -9.13 -28.38 -10.79
CA GLU A 218 -10.53 -28.51 -10.42
C GLU A 218 -11.38 -28.61 -11.68
N VAL A 219 -12.00 -29.77 -11.88
CA VAL A 219 -12.57 -30.13 -13.19
C VAL A 219 -14.07 -30.29 -13.16
N SER A 220 -14.72 -29.73 -14.17
CA SER A 220 -16.11 -30.06 -14.49
C SER A 220 -16.37 -29.97 -16.00
N ILE A 221 -17.50 -30.54 -16.43
CA ILE A 221 -17.84 -30.66 -17.85
C ILE A 221 -19.16 -30.00 -18.16
N SER A 222 -19.11 -28.99 -19.02
CA SER A 222 -20.32 -28.31 -19.46
C SER A 222 -20.56 -28.56 -20.92
N GLY A 223 -21.82 -28.41 -21.33
CA GLY A 223 -22.20 -28.62 -22.74
C GLY A 223 -23.46 -29.44 -22.91
N TYR A 224 -23.97 -29.97 -21.82
CA TYR A 224 -25.08 -30.92 -21.87
C TYR A 224 -26.40 -30.35 -21.29
N ASP A 225 -27.37 -30.14 -22.16
CA ASP A 225 -28.78 -29.99 -21.74
C ASP A 225 -29.51 -31.28 -21.99
N ASN A 226 -30.18 -31.81 -20.95
CA ASN A 226 -30.68 -33.21 -20.97
C ASN A 226 -31.42 -33.64 -22.26
N ASN A 227 -31.80 -32.68 -23.08
CA ASN A 227 -32.58 -32.96 -24.29
C ASN A 227 -31.70 -33.11 -25.52
N TRP A 228 -30.80 -34.08 -25.47
CA TRP A 228 -30.12 -34.55 -26.66
C TRP A 228 -30.93 -35.64 -27.24
N TYR A 229 -31.14 -35.60 -28.55
CA TYR A 229 -31.94 -36.61 -29.25
C TYR A 229 -31.23 -37.21 -30.44
N LEU A 230 -31.78 -38.31 -30.92
CA LEU A 230 -31.26 -39.00 -32.09
C LEU A 230 -31.23 -38.05 -33.27
N GLY A 231 -30.14 -38.09 -34.01
CA GLY A 231 -30.06 -37.40 -35.30
C GLY A 231 -29.91 -35.89 -35.19
N GLN A 232 -29.54 -35.42 -34.01
CA GLN A 232 -29.24 -33.99 -33.79
C GLN A 232 -27.95 -33.60 -34.49
N ASN A 233 -27.63 -32.31 -34.42
CA ASN A 233 -26.36 -31.81 -34.98
C ASN A 233 -25.20 -31.89 -34.00
N GLU A 234 -23.99 -31.83 -34.51
CA GLU A 234 -22.82 -32.05 -33.67
C GLU A 234 -22.82 -31.07 -32.51
N ALA A 235 -23.15 -31.57 -31.33
CA ALA A 235 -22.95 -30.81 -30.10
C ALA A 235 -21.60 -31.15 -29.47
N THR A 236 -20.96 -30.15 -28.87
CA THR A 236 -19.60 -30.32 -28.36
C THR A 236 -19.50 -29.86 -26.91
N LEU A 237 -18.97 -30.72 -26.05
CA LEU A 237 -18.77 -30.35 -24.62
C LEU A 237 -17.35 -29.88 -24.34
N THR A 238 -17.26 -28.90 -23.44
CA THR A 238 -15.98 -28.46 -22.94
C THR A 238 -15.66 -29.12 -21.62
N CYS A 239 -14.39 -29.40 -21.42
CA CYS A 239 -13.88 -29.79 -20.13
C CYS A 239 -13.26 -28.58 -19.44
N ASP A 240 -14.10 -27.82 -18.75
CA ASP A 240 -13.62 -26.67 -18.00
C ASP A 240 -12.76 -27.18 -16.88
N ALA A 241 -11.55 -26.64 -16.76
CA ALA A 241 -10.70 -26.92 -15.61
C ALA A 241 -9.89 -25.70 -15.26
N ARG A 242 -9.90 -25.34 -13.99
CA ARG A 242 -9.09 -24.23 -13.50
C ARG A 242 -8.06 -24.74 -12.51
N SER A 243 -6.80 -24.57 -12.89
CA SER A 243 -5.65 -25.05 -12.12
C SER A 243 -4.54 -24.02 -12.11
N ASN A 244 -3.57 -24.20 -11.26
CA ASN A 244 -2.33 -23.41 -11.32
C ASN A 244 -1.15 -24.29 -11.02
N PRO A 245 -0.16 -24.29 -11.91
CA PRO A 245 -0.23 -23.58 -13.16
C PRO A 245 -1.10 -24.28 -14.21
N GLU A 246 -1.28 -23.61 -15.34
CA GLU A 246 -2.22 -24.05 -16.37
C GLU A 246 -2.02 -25.53 -16.64
N PRO A 247 -3.11 -26.25 -16.87
CA PRO A 247 -3.03 -27.69 -17.12
C PRO A 247 -2.18 -28.04 -18.33
N THR A 248 -1.47 -29.15 -18.24
CA THR A 248 -0.55 -29.56 -19.31
C THR A 248 -1.19 -30.62 -20.22
N GLY A 249 -2.03 -31.47 -19.65
CA GLY A 249 -2.65 -32.59 -20.38
C GLY A 249 -4.14 -32.75 -20.14
N TYR A 250 -4.88 -32.92 -21.23
CA TYR A 250 -6.28 -33.33 -21.16
C TYR A 250 -6.43 -34.74 -21.69
N ASN A 251 -7.20 -35.55 -20.98
CA ASN A 251 -7.51 -36.92 -21.44
C ASN A 251 -8.98 -37.32 -21.32
N TRP A 252 -9.53 -37.73 -22.45
CA TRP A 252 -10.94 -38.10 -22.54
C TRP A 252 -11.14 -39.59 -22.54
N SER A 253 -11.89 -40.10 -21.57
CA SER A 253 -12.32 -41.51 -21.58
C SER A 253 -13.71 -41.69 -21.01
N THR A 254 -14.21 -42.93 -21.12
CA THR A 254 -15.52 -43.30 -20.58
C THR A 254 -15.40 -44.20 -19.34
N THR A 255 -16.50 -44.25 -18.60
CA THR A 255 -16.65 -45.15 -17.44
C THR A 255 -16.51 -46.60 -17.87
N MET A 256 -16.51 -46.83 -19.17
CA MET A 256 -16.46 -48.19 -19.70
C MET A 256 -15.09 -48.50 -20.29
N GLY A 257 -14.20 -47.52 -20.27
CA GLY A 257 -12.85 -47.67 -20.85
C GLY A 257 -12.62 -46.74 -22.03
N PRO A 258 -12.75 -47.27 -23.25
CA PRO A 258 -12.51 -46.46 -24.44
C PRO A 258 -13.72 -45.67 -24.83
N LEU A 259 -13.48 -44.46 -25.34
CA LEU A 259 -14.55 -43.57 -25.85
C LEU A 259 -15.37 -44.28 -26.91
N PRO A 260 -16.71 -44.12 -26.86
CA PRO A 260 -17.57 -44.66 -27.90
C PRO A 260 -17.33 -43.97 -29.23
N PRO A 261 -17.53 -44.69 -30.34
CA PRO A 261 -17.14 -44.16 -31.63
C PRO A 261 -17.69 -42.76 -31.89
N PHE A 262 -18.91 -42.52 -31.41
CA PHE A 262 -19.65 -41.29 -31.74
C PHE A 262 -19.06 -40.07 -31.07
N ALA A 263 -18.28 -40.29 -30.02
CA ALA A 263 -17.68 -39.20 -29.24
C ALA A 263 -16.20 -39.08 -29.53
N VAL A 264 -15.86 -38.17 -30.44
CA VAL A 264 -14.46 -37.95 -30.81
C VAL A 264 -13.83 -36.83 -29.99
N ALA A 265 -12.76 -37.15 -29.28
CA ALA A 265 -12.07 -36.19 -28.43
C ALA A 265 -11.32 -35.16 -29.27
N GLN A 266 -11.46 -33.91 -28.88
CA GLN A 266 -10.71 -32.80 -29.50
C GLN A 266 -10.07 -31.96 -28.42
N GLY A 267 -8.82 -32.26 -28.12
CA GLY A 267 -8.11 -31.54 -27.10
C GLY A 267 -8.92 -31.48 -25.81
N ALA A 268 -9.25 -30.26 -25.38
CA ALA A 268 -9.92 -30.06 -24.10
C ALA A 268 -11.44 -30.14 -24.26
N GLN A 269 -11.88 -30.62 -25.42
CA GLN A 269 -13.32 -30.74 -25.73
C GLN A 269 -13.69 -32.09 -26.34
N LEU A 270 -14.96 -32.46 -26.18
CA LEU A 270 -15.50 -33.72 -26.75
C LEU A 270 -16.62 -33.42 -27.73
N LEU A 271 -16.37 -33.77 -28.99
CA LEU A 271 -17.38 -33.63 -30.05
C LEU A 271 -18.35 -34.82 -30.08
N ILE A 272 -19.64 -34.53 -29.95
CA ILE A 272 -20.67 -35.57 -29.86
C ILE A 272 -21.50 -35.65 -31.11
N ARG A 273 -21.19 -36.65 -31.91
CA ARG A 273 -21.78 -36.79 -33.21
C ARG A 273 -23.25 -37.19 -33.12
N PRO A 274 -23.92 -37.20 -34.28
CA PRO A 274 -25.28 -37.73 -34.32
C PRO A 274 -25.29 -39.20 -34.01
N VAL A 275 -26.34 -39.64 -33.35
CA VAL A 275 -26.46 -41.04 -32.98
C VAL A 275 -27.59 -41.72 -33.75
N ASP A 276 -27.31 -42.93 -34.20
CA ASP A 276 -28.30 -43.72 -34.92
C ASP A 276 -29.28 -44.35 -33.93
N LYS A 277 -28.73 -44.88 -32.83
CA LYS A 277 -29.53 -45.55 -31.79
C LYS A 277 -29.17 -45.03 -30.39
N PRO A 278 -30.14 -44.97 -29.47
CA PRO A 278 -29.92 -44.41 -28.13
C PRO A 278 -28.76 -45.03 -27.35
N ILE A 279 -27.94 -44.16 -26.74
CA ILE A 279 -26.78 -44.59 -25.94
C ILE A 279 -26.73 -43.90 -24.58
N ASN A 280 -26.17 -44.62 -23.61
CA ASN A 280 -25.61 -44.00 -22.40
C ASN A 280 -24.13 -44.26 -22.28
N THR A 281 -23.41 -43.21 -21.97
CA THR A 281 -22.08 -43.32 -21.40
C THR A 281 -21.87 -42.26 -20.34
N THR A 282 -21.25 -42.66 -19.25
CA THR A 282 -20.72 -41.70 -18.31
C THR A 282 -19.31 -41.35 -18.72
N LEU A 283 -19.05 -40.06 -18.82
CA LEU A 283 -17.77 -39.59 -19.39
C LEU A 283 -16.78 -39.10 -18.32
N ILE A 284 -15.51 -39.35 -18.59
CA ILE A 284 -14.44 -39.00 -17.66
C ILE A 284 -13.43 -38.08 -18.34
N CYS A 285 -13.31 -36.87 -17.80
CA CYS A 285 -12.23 -35.96 -18.20
C CYS A 285 -11.12 -36.00 -17.19
N ASN A 286 -10.02 -36.65 -17.57
CA ASN A 286 -8.81 -36.73 -16.73
C ASN A 286 -7.81 -35.64 -17.12
N VAL A 287 -7.72 -34.63 -16.26
CA VAL A 287 -6.87 -33.45 -16.52
C VAL A 287 -5.57 -33.53 -15.72
N THR A 288 -4.47 -33.53 -16.45
CA THR A 288 -3.12 -33.49 -15.86
C THR A 288 -2.57 -32.07 -15.91
N ASN A 289 -2.26 -31.53 -14.75
CA ASN A 289 -1.46 -30.30 -14.66
C ASN A 289 -0.15 -30.55 -13.92
N ALA A 290 0.71 -29.53 -13.89
CA ALA A 290 2.07 -29.71 -13.41
C ALA A 290 2.14 -30.34 -11.98
N LEU A 291 1.04 -30.28 -11.25
CA LEU A 291 1.05 -30.68 -9.82
C LEU A 291 0.46 -32.05 -9.59
N GLY A 292 -0.61 -32.36 -10.31
CA GLY A 292 -1.24 -33.68 -10.24
C GLY A 292 -2.22 -33.91 -11.37
N ALA A 293 -3.10 -34.90 -11.18
CA ALA A 293 -4.14 -35.19 -12.19
C ALA A 293 -5.47 -35.49 -11.54
N ARG A 294 -6.48 -34.71 -11.89
CA ARG A 294 -7.83 -34.91 -11.34
C ARG A 294 -8.80 -35.21 -12.46
N GLN A 295 -10.05 -35.49 -12.11
CA GLN A 295 -11.08 -35.84 -13.10
C GLN A 295 -12.49 -35.48 -12.69
N ALA A 296 -13.37 -35.39 -13.68
CA ALA A 296 -14.78 -35.18 -13.44
C ALA A 296 -15.68 -36.14 -14.26
N GLU A 297 -16.86 -36.38 -13.71
CA GLU A 297 -17.81 -37.36 -14.24
C GLU A 297 -18.96 -36.66 -14.97
N LEU A 298 -19.61 -37.37 -15.89
CA LEU A 298 -20.90 -36.90 -16.47
C LEU A 298 -21.64 -38.00 -17.25
N THR A 299 -22.78 -38.44 -16.73
CA THR A 299 -23.69 -39.29 -17.50
C THR A 299 -24.45 -38.45 -18.51
N VAL A 300 -24.53 -38.96 -19.72
CA VAL A 300 -25.17 -38.24 -20.81
C VAL A 300 -26.06 -39.19 -21.63
N GLN A 301 -27.29 -38.72 -21.91
CA GLN A 301 -28.30 -39.56 -22.55
C GLN A 301 -28.75 -38.99 -23.89
N VAL A 302 -28.98 -39.89 -24.82
CA VAL A 302 -29.56 -39.53 -26.13
C VAL A 302 -30.78 -40.40 -26.44
N LYS A 303 -31.96 -39.77 -26.46
CA LYS A 303 -33.23 -40.51 -26.71
C LYS A 303 -33.95 -39.96 -27.94
N GLU A 304 -35.19 -40.40 -28.14
CA GLU A 304 -35.97 -39.99 -29.31
C GLU A 304 -36.96 -38.87 -29.00
N GLY A 305 -37.79 -39.10 -27.99
CA GLY A 305 -38.83 -38.13 -27.60
C GLY A 305 -39.67 -37.63 -28.79
N PRO A 306 -39.70 -36.30 -28.99
CA PRO A 306 -40.46 -35.68 -30.09
C PRO A 306 -39.86 -35.93 -31.48
C1 NAG B . 8.32 35.64 5.18
C2 NAG B . 7.07 35.26 4.36
C3 NAG B . 7.22 33.91 3.62
C4 NAG B . 8.60 33.72 3.04
C5 NAG B . 9.68 34.09 4.04
C6 NAG B . 11.08 34.00 3.40
C7 NAG B . 4.91 36.09 5.23
C8 NAG B . 3.79 35.84 6.21
N2 NAG B . 5.91 35.20 5.25
O3 NAG B . 6.27 33.76 2.57
O4 NAG B . 8.77 32.38 2.70
O5 NAG B . 9.48 35.40 4.43
O6 NAG B . 11.24 35.02 2.40
O7 NAG B . 4.91 37.09 4.49
C1 NAG B . 8.94 31.92 1.29
C2 NAG B . 7.74 31.01 1.07
C3 NAG B . 7.72 30.46 -0.36
C4 NAG B . 8.05 31.52 -1.40
C5 NAG B . 9.22 32.42 -0.98
C6 NAG B . 9.41 33.56 -2.00
C7 NAG B . 6.90 29.74 3.02
C8 NAG B . 7.10 28.56 3.94
N2 NAG B . 7.80 29.91 2.03
O3 NAG B . 6.46 29.89 -0.68
O4 NAG B . 8.39 30.84 -2.58
O5 NAG B . 9.02 32.94 0.32
O6 NAG B . 8.37 34.49 -1.87
O7 NAG B . 5.92 30.50 3.18
C1 BMA B . 8.10 31.25 -3.72
C2 BMA B . 9.03 31.17 -4.93
C3 BMA B . 9.91 29.93 -4.76
C4 BMA B . 9.03 28.74 -4.37
C5 BMA B . 7.55 29.03 -4.59
C6 BMA B . 6.72 27.79 -4.23
O2 BMA B . 9.81 32.38 -5.04
O3 BMA B . 10.90 30.14 -3.74
O4 BMA B . 9.37 27.56 -5.13
O5 BMA B . 7.11 30.18 -3.82
O6 BMA B . 5.42 28.13 -3.76
C1 NAG C . 5.20 20.99 21.44
C2 NAG C . 5.69 19.70 22.00
C3 NAG C . 4.50 18.80 22.22
C4 NAG C . 3.27 19.52 22.78
C5 NAG C . 2.94 20.85 22.06
C6 NAG C . 1.79 21.78 22.55
C7 NAG C . 7.39 18.05 21.30
C8 NAG C . 8.22 17.51 20.18
N2 NAG C . 6.58 19.09 21.02
O3 NAG C . 4.85 17.77 23.09
O4 NAG C . 2.25 18.58 22.58
O5 NAG C . 4.11 21.63 22.05
O6 NAG C . 1.21 21.66 23.80
O7 NAG C . 7.48 17.54 22.41
C1 NAG C . 1.47 18.38 23.81
C2 NAG C . 0.12 17.88 23.31
C3 NAG C . -0.64 16.93 24.26
C4 NAG C . 0.18 16.37 25.44
C5 NAG C . 1.22 17.40 25.89
C6 NAG C . 1.99 16.95 27.12
C7 NAG C . -1.12 19.33 21.77
C8 NAG C . -1.94 20.59 21.61
N2 NAG C . -0.71 19.04 23.01
O3 NAG C . -1.16 15.89 23.47
O4 NAG C . -0.61 16.01 26.57
O5 NAG C . 2.07 17.57 24.80
O6 NAG C . 3.02 16.08 26.72
O7 NAG C . -0.83 18.63 20.80
C1 BMA C . -1.36 14.81 26.33
C2 BMA C . -1.61 13.99 27.58
C3 BMA C . -2.43 12.74 27.25
C4 BMA C . -3.65 13.08 26.42
C5 BMA C . -3.26 13.96 25.23
C6 BMA C . -4.49 14.37 24.43
O2 BMA C . -2.33 14.79 28.54
O3 BMA C . -2.85 12.11 28.47
O4 BMA C . -4.25 11.87 25.94
O5 BMA C . -2.60 15.13 25.70
O6 BMA C . -4.18 15.49 23.60
C1 MAN C . -1.93 11.20 29.00
C2 MAN C . -2.54 10.28 30.04
C3 MAN C . -2.88 11.04 31.31
C4 MAN C . -1.71 11.92 31.76
C5 MAN C . -1.16 12.72 30.59
C6 MAN C . 0.05 13.54 31.02
O2 MAN C . -1.63 9.25 30.35
O3 MAN C . -3.21 10.14 32.34
O4 MAN C . -2.14 12.79 32.78
O5 MAN C . -0.80 11.86 29.55
O6 MAN C . 0.38 14.47 30.02
C1 FUC C . 1.99 22.44 24.73
C2 FUC C . 1.61 22.44 26.23
C3 FUC C . 2.13 21.13 26.87
C4 FUC C . 3.66 21.13 26.76
C5 FUC C . 4.04 21.34 25.29
C6 FUC C . 5.56 21.42 25.11
O2 FUC C . 0.21 22.63 26.37
O3 FUC C . 1.71 20.93 28.22
O4 FUC C . 4.23 22.18 27.55
O5 FUC C . 3.42 22.54 24.70
C1 NAG D . 2.66 -12.44 14.58
C2 NAG D . 2.26 -13.07 15.89
C3 NAG D . 3.42 -13.78 16.62
C4 NAG D . 4.59 -14.29 15.74
C5 NAG D . 4.87 -13.41 14.56
C6 NAG D . 5.92 -14.03 13.62
C7 NAG D . 0.38 -11.92 17.09
C8 NAG D . 0.00 -10.79 18.02
N2 NAG D . 1.69 -12.03 16.79
O3 NAG D . 2.88 -14.85 17.39
O4 NAG D . 5.77 -14.35 16.52
O5 NAG D . 3.64 -13.24 13.90
O6 NAG D . 5.46 -15.21 12.98
O7 NAG D . -0.47 -12.70 16.65
C1 NAG D . 5.84 -15.81 16.97
C2 NAG D . 7.22 -16.44 16.96
C3 NAG D . 7.22 -17.80 17.69
C4 NAG D . 6.31 -17.83 18.94
C5 NAG D . 4.94 -17.19 18.63
C6 NAG D . 3.97 -17.23 19.82
C7 NAG D . 8.71 -15.92 15.02
C8 NAG D . 9.04 -16.21 13.57
N2 NAG D . 7.69 -16.60 15.56
O3 NAG D . 8.55 -18.14 18.04
O4 NAG D . 6.15 -19.16 19.40
O5 NAG D . 5.21 -15.86 18.25
O6 NAG D . 4.32 -16.28 20.80
O7 NAG D . 9.34 -15.06 15.65
C1 NAG E . -6.23 -5.87 -9.50
C2 NAG E . -7.37 -4.97 -9.99
C3 NAG E . -6.95 -4.11 -11.20
C4 NAG E . -5.54 -3.53 -11.02
C5 NAG E . -4.58 -4.59 -10.55
C6 NAG E . -3.17 -4.03 -10.31
C7 NAG E . -9.33 -6.33 -9.29
C8 NAG E . -10.53 -7.12 -9.72
N2 NAG E . -8.57 -5.76 -10.27
O3 NAG E . -7.88 -3.07 -11.41
O4 NAG E . -5.03 -2.98 -12.25
O5 NAG E . -5.07 -5.09 -9.33
O6 NAG E . -2.29 -5.08 -9.94
O7 NAG E . -9.11 -6.20 -8.08
C1 NAG E . -5.00 -1.53 -12.44
C2 NAG E . -3.87 -1.07 -13.34
C3 NAG E . -4.10 0.41 -13.72
C4 NAG E . -5.54 0.59 -14.29
C5 NAG E . -6.62 -0.05 -13.40
C6 NAG E . -8.00 -0.01 -14.09
C7 NAG E . -1.53 -1.94 -13.30
C8 NAG E . -0.25 -2.12 -12.51
N2 NAG E . -2.55 -1.29 -12.70
O3 NAG E . -3.12 0.84 -14.64
O4 NAG E . -5.90 1.96 -14.44
O5 NAG E . -6.28 -1.39 -13.07
O6 NAG E . -8.92 -0.79 -13.36
O7 NAG E . -1.61 -2.41 -14.42
C1 NAG F . -3.44 -11.45 -11.56
C2 NAG F . -4.71 -11.15 -12.33
C3 NAG F . -4.95 -12.21 -13.40
C4 NAG F . -3.70 -12.45 -14.24
C5 NAG F . -2.48 -12.68 -13.36
C6 NAG F . -1.24 -12.82 -14.28
C7 NAG F . -6.29 -9.97 -10.81
C8 NAG F . -7.49 -10.12 -9.88
N2 NAG F . -5.85 -11.11 -11.40
O3 NAG F . -6.01 -11.78 -14.25
O4 NAG F . -3.87 -13.55 -15.15
O5 NAG F . -2.34 -11.65 -12.42
O6 NAG F . -0.02 -12.98 -13.63
O7 NAG F . -5.75 -8.86 -10.99
C1 NAG F . -4.13 -13.26 -16.56
C2 NAG F . -3.59 -14.31 -17.54
C3 NAG F . -4.02 -13.98 -18.95
C4 NAG F . -5.51 -13.61 -19.04
C5 NAG F . -5.98 -12.69 -17.90
C6 NAG F . -7.50 -12.52 -18.00
C7 NAG F . -1.39 -15.48 -17.49
C8 NAG F . 0.11 -15.33 -17.44
N2 NAG F . -2.11 -14.35 -17.48
O3 NAG F . -3.77 -15.08 -19.84
O4 NAG F . -5.66 -12.84 -20.24
O5 NAG F . -5.55 -13.18 -16.64
O6 NAG F . -7.98 -11.97 -16.79
O7 NAG F . -1.92 -16.59 -17.51
C1 BMA F . -6.41 -13.35 -21.37
C2 BMA F . -6.79 -12.10 -22.17
C3 BMA F . -7.18 -12.48 -23.60
C4 BMA F . -6.14 -13.39 -24.23
C5 BMA F . -5.80 -14.55 -23.31
C6 BMA F . -4.70 -15.42 -23.91
O2 BMA F . -5.69 -11.20 -22.20
O3 BMA F . -7.32 -11.29 -24.39
O4 BMA F . -6.65 -13.90 -25.47
O5 BMA F . -5.36 -14.04 -22.05
O6 BMA F . -4.59 -16.63 -23.16
C1 NAG G . -29.57 -45.66 -20.93
C2 NAG G . -30.14 -46.82 -21.75
C3 NAG G . -31.61 -47.03 -21.45
C4 NAG G . -31.86 -47.07 -19.94
C5 NAG G . -31.16 -45.91 -19.25
C6 NAG G . -31.35 -45.99 -17.73
C7 NAG G . -30.28 -47.44 -24.09
C8 NAG G . -31.44 -47.10 -24.98
N2 NAG G . -29.95 -46.54 -23.17
O3 NAG G . -32.04 -48.24 -22.03
O4 NAG G . -33.25 -47.02 -19.69
O5 NAG G . -29.79 -45.91 -19.56
O6 NAG G . -30.63 -44.95 -17.12
O7 NAG G . -29.67 -48.51 -24.23
C1 NAG G . -33.51 -47.57 -18.35
C2 NAG G . -34.74 -46.84 -17.81
C3 NAG G . -35.13 -47.41 -16.45
C4 NAG G . -35.34 -48.94 -16.62
C5 NAG G . -34.09 -49.60 -17.21
C6 NAG G . -34.34 -51.09 -17.48
C7 NAG G . -35.43 -44.53 -18.24
C8 NAG G . -35.12 -43.05 -18.13
N2 NAG G . -34.51 -45.39 -17.76
O3 NAG G . -36.31 -46.77 -15.98
O4 NAG G . -35.68 -49.63 -15.41
O5 NAG G . -33.72 -48.98 -18.44
O6 NAG G . -33.20 -51.64 -18.09
O7 NAG G . -36.48 -44.91 -18.74
C1 BMA G . -37.01 -49.33 -15.01
C2 BMA G . -38.19 -50.29 -15.17
C3 BMA G . -39.51 -49.61 -14.82
C4 BMA G . -39.41 -48.87 -13.49
C5 BMA G . -38.17 -48.00 -13.43
C6 BMA G . -38.02 -47.33 -12.07
O2 BMA G . -38.00 -51.41 -14.29
O3 BMA G . -40.55 -50.58 -14.75
O4 BMA G . -40.57 -48.06 -13.30
O5 BMA G . -37.00 -48.80 -13.69
O6 BMA G . -36.83 -46.53 -12.05
C1 FUC G . -30.58 -45.12 -15.70
C2 FUC G . -30.71 -46.55 -15.15
C3 FUC G . -29.44 -47.31 -15.52
C4 FUC G . -28.23 -46.61 -14.86
C5 FUC G . -28.20 -45.11 -15.26
C6 FUC G . -27.08 -44.33 -14.55
O2 FUC G . -31.86 -47.20 -15.66
O3 FUC G . -29.52 -48.68 -15.19
O4 FUC G . -28.27 -46.73 -13.46
O5 FUC G . -29.48 -44.49 -14.99
C1 NAG H . -4.88 -39.65 -15.51
C2 NAG H . -4.72 -41.08 -14.87
C3 NAG H . -3.26 -41.34 -14.38
C4 NAG H . -2.28 -41.13 -15.56
C5 NAG H . -2.43 -39.65 -16.03
C6 NAG H . -1.42 -39.22 -17.10
C7 NAG H . -6.88 -41.89 -13.98
C8 NAG H . -7.69 -42.17 -12.73
N2 NAG H . -5.67 -41.35 -13.78
O3 NAG H . -3.09 -42.62 -13.78
O4 NAG H . -0.93 -41.49 -15.23
O5 NAG H . -3.79 -39.44 -16.47
O6 NAG H . -1.14 -40.27 -18.01
O7 NAG H . -7.34 -42.13 -15.11
#